data_2D1Q
#
_entry.id   2D1Q
#
_cell.length_a   57.780
_cell.length_b   181.975
_cell.length_c   53.566
_cell.angle_alpha   90.00
_cell.angle_beta   90.00
_cell.angle_gamma   90.00
#
_symmetry.space_group_name_H-M   'P 21 21 21'
#
loop_
_entity.id
_entity.type
_entity.pdbx_description
1 polymer 'Luciferin 4-monooxygenase'
2 non-polymer 'ADENOSINE MONOPHOSPHATE'
3 water water
#
_entity_poly.entity_id   1
_entity_poly.type   'polypeptide(L)'
_entity_poly.pdbx_seq_one_letter_code
;MENMENDENIVVGPKPFYPIEEGSAGTQLRKYMERYAKLGAIAFTNAVTGVDYSYAEYLEKS(CSO)(CSO)LGKALQNY
GLVVDGRIALCSENCEEFFIPVIAGLFIGVGVAPTNEIYTLRELVHSLGISKPTIVFSSKKGLDKVITVQKTVTTIKTIV
ILDSKVDYRGYQCLDTFIKRNTPPGFQASSFKTVEVDRKEQVALIMNSSGSTGLPKGVQLTHENIVTRFSHARDPIYGNQ
VSPGTAVLTVVPFHHGFGMFTTLGYLICGFRVVMLTKFDEETFLKTLQDYKCTSVILVPTLFAILNKSELLNKYDLSNLV
EIASGGAPLSKEVGEAVARRFNLPGVRQGYGLTETTSAIIITPEGDDKPGASGKVVPLFKAKVIDLDTKKSLGPNRRGEV
CVKGPMLMKGYVNNPEATKELIDEEGWLHTGDIGYYDEEKHFFIVDRLKSLIKYKGYQVPPAELESVLLQHPSIFDAGVA
GVPDPVAGELPGAVVVLESGKNMTEKEVMDYVASQVSNAKRLRGGVRFVDEVPKGLTGKIDGRAIREILKKPVAKM
;
_entity_poly.pdbx_strand_id   A
#
loop_
_chem_comp.id
_chem_comp.type
_chem_comp.name
_chem_comp.formula
AMP non-polymer 'ADENOSINE MONOPHOSPHATE' 'C10 H14 N5 O7 P'
#
# COMPACT_ATOMS: atom_id res chain seq x y z
N GLU A 8 -9.34 -28.91 6.53
CA GLU A 8 -10.80 -29.01 6.29
C GLU A 8 -11.15 -28.45 4.89
N ASN A 9 -11.72 -27.23 4.88
CA ASN A 9 -11.93 -26.37 3.71
C ASN A 9 -10.81 -25.30 3.59
N ILE A 10 -9.62 -25.64 4.07
CA ILE A 10 -8.49 -24.71 4.11
C ILE A 10 -7.78 -24.69 2.76
N VAL A 11 -7.39 -23.50 2.31
CA VAL A 11 -6.69 -23.37 1.05
C VAL A 11 -5.23 -23.06 1.35
N VAL A 12 -4.36 -23.90 0.81
CA VAL A 12 -2.93 -23.88 1.15
C VAL A 12 -2.15 -23.36 -0.05
N GLY A 13 -1.22 -22.43 0.18
CA GLY A 13 -0.39 -21.92 -0.89
C GLY A 13 0.78 -22.86 -1.15
N PRO A 14 1.39 -22.75 -2.33
CA PRO A 14 2.46 -23.68 -2.71
C PRO A 14 3.78 -23.37 -1.98
N LYS A 15 4.77 -24.23 -2.17
CA LYS A 15 6.12 -23.96 -1.67
C LYS A 15 6.70 -22.83 -2.55
N PRO A 16 7.53 -21.96 -1.97
CA PRO A 16 8.15 -20.88 -2.77
C PRO A 16 9.27 -21.41 -3.68
N PHE A 17 9.37 -20.82 -4.87
CA PHE A 17 10.43 -21.17 -5.81
C PHE A 17 11.79 -20.98 -5.16
N TYR A 18 12.00 -19.80 -4.58
CA TYR A 18 13.20 -19.47 -3.87
C TYR A 18 12.91 -19.52 -2.38
N PRO A 19 13.65 -20.38 -1.66
CA PRO A 19 13.55 -20.47 -0.20
C PRO A 19 13.91 -19.16 0.53
N ILE A 20 13.40 -18.98 1.74
CA ILE A 20 13.78 -17.83 2.55
C ILE A 20 15.28 -17.91 2.85
N GLU A 21 16.01 -16.89 2.42
CA GLU A 21 17.45 -16.88 2.60
C GLU A 21 17.79 -16.58 4.04
N GLU A 22 19.02 -16.88 4.42
CA GLU A 22 19.53 -16.59 5.75
C GLU A 22 19.88 -15.10 5.86
N GLY A 23 19.95 -14.59 7.08
CA GLY A 23 20.29 -13.21 7.30
C GLY A 23 19.10 -12.35 7.62
N SER A 24 19.38 -11.21 8.24
CA SER A 24 18.36 -10.20 8.53
C SER A 24 17.82 -9.55 7.23
N ALA A 25 16.79 -8.74 7.36
CA ALA A 25 16.25 -7.97 6.24
C ALA A 25 17.30 -7.04 5.64
N GLY A 26 18.14 -6.46 6.50
CA GLY A 26 19.20 -5.56 6.06
C GLY A 26 20.34 -6.30 5.36
N THR A 27 20.72 -7.46 5.89
CA THR A 27 21.78 -8.26 5.29
C THR A 27 21.36 -8.65 3.86
N GLN A 28 20.12 -9.13 3.70
CA GLN A 28 19.62 -9.51 2.38
C GLN A 28 19.54 -8.33 1.42
N LEU A 29 19.05 -7.19 1.91
CA LEU A 29 18.94 -6.01 1.06
C LEU A 29 20.30 -5.54 0.54
N ARG A 30 21.29 -5.50 1.42
CA ARG A 30 22.64 -5.09 1.05
C ARG A 30 23.22 -6.06 0.00
N LYS A 31 22.93 -7.35 0.16
CA LYS A 31 23.44 -8.40 -0.74
C LYS A 31 23.01 -8.15 -2.18
N TYR A 32 21.74 -7.83 -2.33
CA TYR A 32 21.16 -7.54 -3.63
C TYR A 32 21.57 -6.19 -4.18
N MET A 33 21.46 -5.14 -3.36
CA MET A 33 21.83 -3.80 -3.78
C MET A 33 23.30 -3.68 -4.22
N GLU A 34 24.19 -4.36 -3.49
CA GLU A 34 25.62 -4.39 -3.83
C GLU A 34 25.83 -4.84 -5.28
N ARG A 35 25.06 -5.84 -5.66
CA ARG A 35 25.09 -6.44 -6.98
C ARG A 35 24.69 -5.44 -8.06
N TYR A 36 23.55 -4.79 -7.86
CA TYR A 36 23.09 -3.80 -8.85
C TYR A 36 23.94 -2.53 -8.88
N ALA A 37 24.55 -2.21 -7.73
CA ALA A 37 25.52 -1.13 -7.62
C ALA A 37 26.73 -1.26 -8.56
N LYS A 38 27.34 -2.45 -8.61
CA LYS A 38 28.49 -2.70 -9.52
C LYS A 38 28.07 -2.67 -10.96
N LEU A 39 26.84 -3.06 -11.25
CA LEU A 39 26.27 -3.05 -12.60
C LEU A 39 26.10 -1.66 -13.17
N GLY A 40 25.98 -0.63 -12.33
CA GLY A 40 25.76 0.70 -12.85
C GLY A 40 24.28 1.03 -12.91
N ALA A 41 23.46 0.27 -12.19
CA ALA A 41 22.01 0.40 -12.31
C ALA A 41 21.46 1.60 -11.54
N ILE A 42 20.35 2.14 -12.02
CA ILE A 42 19.64 3.20 -11.31
C ILE A 42 18.49 2.61 -10.46
N ALA A 43 18.43 3.02 -9.22
CA ALA A 43 17.41 2.55 -8.29
C ALA A 43 16.11 3.37 -8.31
N PHE A 44 16.23 4.70 -8.27
CA PHE A 44 15.08 5.58 -8.08
C PHE A 44 15.15 6.75 -9.05
N THR A 45 14.03 7.01 -9.71
CA THR A 45 13.91 8.14 -10.62
C THR A 45 12.64 8.88 -10.22
N ASN A 46 12.79 10.17 -10.03
CA ASN A 46 11.66 11.04 -9.83
C ASN A 46 11.20 11.45 -11.21
N ALA A 47 10.02 10.98 -11.62
CA ALA A 47 9.49 11.21 -12.97
C ALA A 47 9.24 12.68 -13.31
N VAL A 48 8.97 13.49 -12.29
CA VAL A 48 8.58 14.87 -12.51
C VAL A 48 9.81 15.78 -12.70
N THR A 49 10.91 15.49 -12.00
CA THR A 49 12.12 16.30 -12.09
C THR A 49 13.17 15.61 -12.95
N GLY A 50 13.04 14.29 -13.08
CA GLY A 50 13.98 13.52 -13.85
C GLY A 50 15.25 13.20 -13.10
N VAL A 51 15.32 13.53 -11.80
CA VAL A 51 16.45 13.15 -10.93
C VAL A 51 16.59 11.63 -10.68
N ASP A 52 17.78 11.11 -10.98
CA ASP A 52 18.14 9.70 -10.75
C ASP A 52 18.97 9.49 -9.46
N TYR A 53 18.76 8.37 -8.77
CA TYR A 53 19.72 7.87 -7.79
C TYR A 53 20.14 6.47 -8.19
N SER A 54 21.41 6.31 -8.54
CA SER A 54 21.95 4.99 -8.81
C SER A 54 21.90 4.09 -7.55
N TYR A 55 21.96 2.78 -7.76
CA TYR A 55 22.06 1.81 -6.68
C TYR A 55 23.28 2.04 -5.78
N ALA A 56 24.39 2.44 -6.40
CA ALA A 56 25.64 2.67 -5.67
C ALA A 56 25.53 3.86 -4.73
N GLU A 57 24.93 4.95 -5.20
CA GLU A 57 24.76 6.11 -4.34
C GLU A 57 23.76 5.79 -3.21
N TYR A 58 22.64 5.16 -3.59
CA TYR A 58 21.64 4.78 -2.60
C TYR A 58 22.20 3.83 -1.56
N LEU A 59 22.96 2.84 -2.00
CA LEU A 59 23.65 1.93 -1.08
C LEU A 59 24.61 2.67 -0.16
N GLU A 60 25.48 3.48 -0.74
CA GLU A 60 26.44 4.25 0.06
C GLU A 60 25.78 5.19 1.06
N LYS A 61 24.74 5.91 0.66
CA LYS A 61 24.10 6.83 1.61
C LYS A 61 23.40 6.07 2.75
N SER A 62 22.85 4.89 2.45
CA SER A 62 22.20 4.05 3.46
C SER A 62 23.23 3.50 4.46
N CSO A 63 24.38 3.01 3.97
CA CSO A 63 25.47 2.55 4.84
CB CSO A 63 26.63 1.94 4.01
SG CSO A 63 26.09 0.51 3.05
C CSO A 63 26.04 3.67 5.71
O CSO A 63 26.22 3.49 6.92
OD CSO A 63 26.92 -1.00 3.57
N CSO A 64 26.34 4.82 5.09
CA CSO A 64 26.77 6.02 5.80
CB CSO A 64 27.08 7.15 4.80
SG CSO A 64 28.62 6.78 3.88
C CSO A 64 25.75 6.48 6.86
O CSO A 64 26.14 6.84 7.97
OD CSO A 64 30.04 6.97 4.97
N LEU A 65 24.46 6.47 6.52
CA LEU A 65 23.44 6.82 7.51
C LEU A 65 23.41 5.80 8.65
N GLY A 66 23.47 4.51 8.31
CA GLY A 66 23.60 3.48 9.35
C GLY A 66 24.71 3.77 10.37
N LYS A 67 25.94 4.03 9.89
CA LYS A 67 27.03 4.40 10.77
C LYS A 67 26.73 5.64 11.64
N ALA A 68 26.21 6.68 11.01
CA ALA A 68 25.87 7.92 11.66
C ALA A 68 24.90 7.76 12.83
N LEU A 69 23.93 6.86 12.66
CA LEU A 69 22.90 6.65 13.68
C LEU A 69 23.50 5.94 14.88
N GLN A 70 24.47 5.07 14.61
CA GLN A 70 25.16 4.33 15.68
C GLN A 70 26.03 5.30 16.48
N ASN A 71 26.75 6.15 15.75
CA ASN A 71 27.61 7.15 16.37
C ASN A 71 26.80 8.17 17.16
N TYR A 72 25.57 8.40 16.70
CA TYR A 72 24.63 9.30 17.36
C TYR A 72 24.15 8.72 18.69
N GLY A 73 24.23 7.39 18.83
CA GLY A 73 23.92 6.73 20.08
C GLY A 73 22.74 5.77 20.05
N LEU A 74 22.19 5.52 18.87
CA LEU A 74 21.07 4.60 18.75
C LEU A 74 21.53 3.14 18.81
N VAL A 75 20.96 2.41 19.78
CA VAL A 75 21.26 0.99 19.96
C VAL A 75 20.19 0.15 19.28
N VAL A 76 20.45 -1.15 19.18
CA VAL A 76 19.51 -2.11 18.65
C VAL A 76 18.19 -1.95 19.42
N ASP A 77 17.09 -1.88 18.66
CA ASP A 77 15.73 -1.71 19.18
C ASP A 77 15.38 -0.27 19.54
N GLY A 78 16.21 0.66 19.08
CA GLY A 78 15.86 2.07 19.08
C GLY A 78 14.81 2.38 18.01
N ARG A 79 14.35 3.63 17.96
CA ARG A 79 13.26 4.00 17.06
C ARG A 79 13.56 5.29 16.31
N ILE A 80 13.30 5.29 15.01
CA ILE A 80 13.30 6.50 14.23
C ILE A 80 12.01 6.57 13.45
N ALA A 81 11.67 7.75 12.97
CA ALA A 81 10.50 7.88 12.10
C ALA A 81 10.78 8.71 10.88
N LEU A 82 9.87 8.60 9.91
CA LEU A 82 9.82 9.45 8.74
C LEU A 82 8.46 10.11 8.71
N CYS A 83 8.45 11.34 8.21
CA CYS A 83 7.22 12.04 7.93
C CYS A 83 7.47 12.71 6.60
N SER A 84 6.99 12.08 5.55
CA SER A 84 7.29 12.53 4.21
C SER A 84 6.26 12.00 3.23
N GLU A 85 5.92 12.84 2.26
CA GLU A 85 5.25 12.42 1.04
C GLU A 85 6.28 11.59 0.26
N ASN A 86 5.86 10.94 -0.82
CA ASN A 86 6.79 10.25 -1.69
C ASN A 86 7.88 11.20 -2.22
N CYS A 87 9.13 10.85 -1.93
CA CYS A 87 10.26 11.48 -2.60
C CYS A 87 11.33 10.42 -2.79
N GLU A 88 12.27 10.66 -3.71
CA GLU A 88 13.29 9.67 -4.04
C GLU A 88 14.23 9.29 -2.87
N GLU A 89 14.30 10.14 -1.84
CA GLU A 89 15.17 9.88 -0.67
C GLU A 89 14.47 9.05 0.41
N PHE A 90 13.16 8.82 0.24
CA PHE A 90 12.35 8.13 1.26
C PHE A 90 12.98 6.88 1.90
N PHE A 91 13.63 6.04 1.10
CA PHE A 91 14.06 4.73 1.61
C PHE A 91 15.41 4.71 2.29
N ILE A 92 16.15 5.81 2.18
CA ILE A 92 17.47 5.88 2.83
C ILE A 92 17.37 5.66 4.36
N PRO A 93 16.52 6.40 5.08
CA PRO A 93 16.30 6.09 6.51
C PRO A 93 15.75 4.69 6.74
N VAL A 94 14.85 4.23 5.88
CA VAL A 94 14.26 2.90 6.02
C VAL A 94 15.36 1.80 5.94
N ILE A 95 16.18 1.89 4.90
CA ILE A 95 17.20 0.88 4.68
C ILE A 95 18.25 0.92 5.76
N ALA A 96 18.68 2.12 6.13
CA ALA A 96 19.67 2.27 7.20
C ALA A 96 19.15 1.68 8.53
N GLY A 97 17.90 1.96 8.87
CA GLY A 97 17.30 1.43 10.07
C GLY A 97 17.36 -0.09 10.04
N LEU A 98 17.06 -0.69 8.89
CA LEU A 98 17.08 -2.14 8.72
C LEU A 98 18.50 -2.70 8.84
N PHE A 99 19.49 -1.93 8.39
CA PHE A 99 20.89 -2.34 8.48
C PHE A 99 21.42 -2.40 9.93
N ILE A 100 20.85 -1.61 10.83
CA ILE A 100 21.38 -1.50 12.19
C ILE A 100 20.45 -2.05 13.29
N GLY A 101 19.28 -2.52 12.90
CA GLY A 101 18.36 -3.13 13.86
C GLY A 101 17.57 -2.12 14.68
N VAL A 102 17.36 -0.95 14.10
CA VAL A 102 16.53 0.10 14.68
C VAL A 102 15.14 0.07 13.99
N GLY A 103 14.07 0.06 14.76
CA GLY A 103 12.72 0.14 14.21
C GLY A 103 12.43 1.46 13.51
N VAL A 104 11.77 1.37 12.35
CA VAL A 104 11.40 2.54 11.56
C VAL A 104 9.87 2.72 11.50
N ALA A 105 9.40 3.92 11.81
CA ALA A 105 7.96 4.22 11.71
C ALA A 105 7.67 5.23 10.62
N PRO A 106 7.22 4.76 9.47
CA PRO A 106 6.87 5.67 8.38
C PRO A 106 5.51 6.34 8.60
N THR A 107 5.47 7.65 8.44
CA THR A 107 4.20 8.39 8.29
C THR A 107 4.29 9.30 7.07
N ASN A 108 3.13 9.77 6.62
CA ASN A 108 3.04 10.67 5.48
C ASN A 108 2.75 12.10 5.93
N GLU A 109 3.32 13.04 5.20
CA GLU A 109 3.04 14.47 5.32
C GLU A 109 1.54 14.81 5.32
N ILE A 110 0.74 14.03 4.60
CA ILE A 110 -0.69 14.32 4.44
C ILE A 110 -1.54 13.95 5.67
N TYR A 111 -0.92 13.36 6.69
CA TYR A 111 -1.60 13.10 7.95
C TYR A 111 -2.14 14.44 8.49
N THR A 112 -3.30 14.41 9.12
CA THR A 112 -3.72 15.56 9.93
C THR A 112 -2.79 15.57 11.17
N LEU A 113 -2.65 16.73 11.81
CA LEU A 113 -1.84 16.84 13.01
C LEU A 113 -2.28 15.89 14.11
N ARG A 114 -3.59 15.66 14.21
CA ARG A 114 -4.13 14.79 15.24
C ARG A 114 -3.62 13.37 15.02
N GLU A 115 -3.64 12.93 13.76
CA GLU A 115 -3.16 11.60 13.41
C GLU A 115 -1.68 11.45 13.69
N LEU A 116 -0.92 12.50 13.41
CA LEU A 116 0.54 12.50 13.55
C LEU A 116 0.99 12.50 15.02
N VAL A 117 0.32 13.29 15.84
CA VAL A 117 0.60 13.31 17.27
C VAL A 117 0.32 11.94 17.85
N HIS A 118 -0.78 11.31 17.42
CA HIS A 118 -1.13 9.99 17.95
C HIS A 118 -0.19 8.89 17.40
N SER A 119 0.06 8.91 16.09
CA SER A 119 0.95 7.92 15.48
C SER A 119 2.37 7.97 16.06
N LEU A 120 2.98 9.15 16.12
CA LEU A 120 4.33 9.27 16.66
C LEU A 120 4.35 9.14 18.19
N GLY A 121 3.22 9.46 18.82
CA GLY A 121 3.01 9.20 20.23
C GLY A 121 3.15 7.72 20.58
N ILE A 122 2.80 6.86 19.63
CA ILE A 122 2.84 5.42 19.86
C ILE A 122 4.24 4.87 19.61
N SER A 123 4.88 5.31 18.53
CA SER A 123 6.17 4.73 18.14
C SER A 123 7.34 5.33 18.90
N LYS A 124 7.19 6.59 19.33
CA LYS A 124 8.20 7.25 20.16
C LYS A 124 9.60 7.27 19.53
N PRO A 125 9.72 7.94 18.38
CA PRO A 125 11.01 8.05 17.69
C PRO A 125 11.96 9.07 18.33
N THR A 126 13.24 8.76 18.35
CA THR A 126 14.24 9.67 18.83
C THR A 126 14.57 10.73 17.77
N ILE A 127 14.59 10.32 16.50
CA ILE A 127 14.83 11.24 15.38
C ILE A 127 13.67 11.12 14.39
N VAL A 128 13.28 12.26 13.80
CA VAL A 128 12.32 12.26 12.71
C VAL A 128 12.98 12.81 11.45
N PHE A 129 13.00 12.00 10.40
CA PHE A 129 13.40 12.45 9.08
C PHE A 129 12.15 13.00 8.41
N SER A 130 12.12 14.31 8.23
CA SER A 130 10.98 15.02 7.68
C SER A 130 11.33 15.54 6.29
N SER A 131 10.35 15.61 5.39
CA SER A 131 10.50 16.40 4.18
C SER A 131 10.38 17.90 4.52
N LYS A 132 10.77 18.77 3.59
CA LYS A 132 10.58 20.23 3.70
C LYS A 132 9.13 20.59 3.99
N LYS A 133 8.21 19.98 3.25
CA LYS A 133 6.78 20.25 3.34
C LYS A 133 6.19 19.77 4.66
N GLY A 134 6.77 18.72 5.24
CA GLY A 134 6.30 18.19 6.51
C GLY A 134 6.88 18.85 7.76
N LEU A 135 7.92 19.68 7.60
CA LEU A 135 8.60 20.25 8.75
C LEU A 135 7.68 20.98 9.76
N ASP A 136 6.78 21.82 9.26
CA ASP A 136 5.84 22.58 10.11
C ASP A 136 5.11 21.63 11.07
N LYS A 137 4.48 20.60 10.50
CA LYS A 137 3.71 19.61 11.25
C LYS A 137 4.56 18.83 12.27
N VAL A 138 5.78 18.46 11.87
CA VAL A 138 6.69 17.75 12.77
C VAL A 138 7.16 18.65 13.94
N ILE A 139 7.45 19.91 13.67
CA ILE A 139 7.75 20.87 14.75
C ILE A 139 6.58 20.95 15.75
N THR A 140 5.34 20.89 15.27
CA THR A 140 4.21 21.00 16.19
C THR A 140 4.00 19.70 16.94
N VAL A 141 4.33 18.58 16.31
CA VAL A 141 4.21 17.30 16.98
C VAL A 141 5.19 17.25 18.13
N GLN A 142 6.39 17.78 17.91
CA GLN A 142 7.45 17.82 18.91
C GLN A 142 7.05 18.51 20.22
N LYS A 143 6.15 19.49 20.16
CA LYS A 143 5.67 20.15 21.39
C LYS A 143 4.91 19.20 22.33
N THR A 144 4.19 18.24 21.73
CA THR A 144 3.44 17.21 22.48
C THR A 144 4.30 15.97 22.71
N VAL A 145 4.83 15.38 21.64
CA VAL A 145 5.67 14.19 21.73
C VAL A 145 7.13 14.65 21.97
N THR A 146 7.44 14.92 23.24
CA THR A 146 8.65 15.67 23.59
C THR A 146 9.88 14.79 23.63
N THR A 147 9.71 13.50 23.34
CA THR A 147 10.83 12.57 23.31
C THR A 147 11.59 12.63 21.99
N ILE A 148 11.09 13.42 21.06
CA ILE A 148 11.80 13.66 19.79
C ILE A 148 12.95 14.63 19.99
N LYS A 149 14.16 14.10 19.89
CA LYS A 149 15.37 14.88 20.08
C LYS A 149 15.75 15.69 18.82
N THR A 150 15.72 15.05 17.67
CA THR A 150 16.27 15.65 16.45
C THR A 150 15.30 15.50 15.26
N ILE A 151 15.25 16.55 14.44
CA ILE A 151 14.57 16.54 13.16
C ILE A 151 15.59 16.74 12.04
N VAL A 152 15.64 15.77 11.13
CA VAL A 152 16.54 15.81 9.98
C VAL A 152 15.71 16.01 8.69
N ILE A 153 16.15 16.95 7.85
CA ILE A 153 15.46 17.26 6.59
C ILE A 153 15.98 16.33 5.50
N LEU A 154 15.04 15.63 4.88
CA LEU A 154 15.33 14.47 4.08
C LEU A 154 15.64 14.82 2.62
N ASP A 155 14.87 15.76 2.07
CA ASP A 155 14.87 16.09 0.65
C ASP A 155 15.43 17.48 0.33
N SER A 156 16.48 17.88 1.04
CA SER A 156 17.21 19.11 0.77
C SER A 156 18.70 18.78 0.77
N LYS A 157 19.47 19.44 -0.10
CA LYS A 157 20.93 19.24 -0.12
C LYS A 157 21.65 20.21 0.83
N VAL A 158 21.00 21.31 1.17
CA VAL A 158 21.54 22.26 2.14
C VAL A 158 20.66 22.22 3.39
N ASP A 159 21.21 22.61 4.54
CA ASP A 159 20.42 22.79 5.74
C ASP A 159 19.23 23.72 5.47
N TYR A 160 18.12 23.52 6.18
CA TYR A 160 16.87 24.17 5.84
C TYR A 160 16.18 24.67 7.10
N ARG A 161 15.99 25.99 7.15
CA ARG A 161 15.39 26.72 8.28
C ARG A 161 16.03 26.42 9.65
N GLY A 162 17.34 26.21 9.64
CA GLY A 162 18.07 25.91 10.87
C GLY A 162 18.15 24.43 11.25
N TYR A 163 17.62 23.56 10.39
CA TYR A 163 17.65 22.11 10.63
C TYR A 163 18.65 21.42 9.70
N GLN A 164 19.41 20.48 10.25
CA GLN A 164 20.35 19.72 9.46
C GLN A 164 19.64 18.97 8.35
N CYS A 165 20.17 19.07 7.14
CA CYS A 165 19.77 18.19 6.07
C CYS A 165 20.50 16.83 6.28
N LEU A 166 20.03 15.80 5.56
CA LEU A 166 20.55 14.43 5.65
C LEU A 166 22.07 14.36 5.53
N ASP A 167 22.64 15.09 4.57
CA ASP A 167 24.09 15.06 4.34
C ASP A 167 24.85 15.68 5.50
N THR A 168 24.31 16.76 6.03
CA THR A 168 24.90 17.40 7.20
C THR A 168 24.95 16.44 8.39
N PHE A 169 23.82 15.79 8.68
CA PHE A 169 23.76 14.84 9.80
C PHE A 169 24.73 13.67 9.61
N ILE A 170 24.91 13.18 8.39
CA ILE A 170 25.89 12.10 8.15
C ILE A 170 27.29 12.65 8.44
N LYS A 171 27.58 13.81 7.84
CA LYS A 171 28.86 14.50 8.02
C LYS A 171 29.17 14.80 9.49
N ARG A 172 28.19 15.30 10.24
CA ARG A 172 28.40 15.63 11.65
C ARG A 172 28.52 14.41 12.56
N ASN A 173 28.12 13.24 12.04
CA ASN A 173 28.10 12.01 12.83
C ASN A 173 28.92 10.84 12.26
N THR A 174 29.82 11.13 11.32
CA THR A 174 30.86 10.16 10.96
C THR A 174 32.26 10.80 10.97
N PRO A 175 33.30 10.04 11.33
CA PRO A 175 34.69 10.53 11.25
C PRO A 175 35.06 10.87 9.80
N PRO A 176 35.97 11.82 9.59
CA PRO A 176 36.29 12.26 8.21
C PRO A 176 36.97 11.18 7.35
N GLY A 177 37.51 10.12 7.97
CA GLY A 177 38.16 9.04 7.22
C GLY A 177 37.30 7.81 6.95
N PHE A 178 35.99 7.91 7.21
CA PHE A 178 35.11 6.76 7.12
C PHE A 178 34.68 6.44 5.67
N GLN A 179 34.97 5.21 5.25
CA GLN A 179 34.53 4.72 3.96
C GLN A 179 33.32 3.81 4.20
N ALA A 180 32.29 4.01 3.37
CA ALA A 180 31.05 3.22 3.43
C ALA A 180 31.30 1.72 3.42
N SER A 181 32.35 1.30 2.72
CA SER A 181 32.65 -0.12 2.52
C SER A 181 33.09 -0.85 3.79
N SER A 182 33.55 -0.12 4.81
CA SER A 182 33.94 -0.71 6.07
C SER A 182 32.75 -1.01 7.05
N PHE A 183 31.54 -0.66 6.62
CA PHE A 183 30.32 -0.86 7.42
C PHE A 183 29.80 -2.31 7.39
N LYS A 184 29.38 -2.82 8.55
CA LYS A 184 28.78 -4.15 8.62
C LYS A 184 27.36 -4.13 9.20
N THR A 185 26.43 -4.81 8.52
CA THR A 185 25.05 -4.94 9.01
C THR A 185 24.99 -5.76 10.31
N VAL A 186 24.03 -5.40 11.16
CA VAL A 186 23.81 -6.04 12.44
C VAL A 186 22.86 -7.23 12.30
N GLU A 187 23.27 -8.40 12.79
CA GLU A 187 22.37 -9.55 12.79
C GLU A 187 21.45 -9.44 13.99
N VAL A 188 20.20 -9.80 13.79
CA VAL A 188 19.21 -9.71 14.84
C VAL A 188 18.50 -11.05 14.98
N ASP A 189 17.77 -11.20 16.09
CA ASP A 189 16.80 -12.29 16.23
C ASP A 189 15.63 -11.95 15.32
N ARG A 190 15.47 -12.76 14.29
CA ARG A 190 14.60 -12.44 13.15
C ARG A 190 13.13 -12.44 13.49
N LYS A 191 12.69 -13.45 14.24
CA LYS A 191 11.29 -13.63 14.56
C LYS A 191 10.82 -12.64 15.63
N GLU A 192 11.76 -12.04 16.36
CA GLU A 192 11.44 -11.16 17.49
C GLU A 192 11.70 -9.66 17.23
N GLN A 193 12.77 -9.34 16.49
CA GLN A 193 13.14 -7.95 16.20
C GLN A 193 12.12 -7.19 15.33
N VAL A 194 11.53 -6.15 15.90
CA VAL A 194 10.67 -5.26 15.10
C VAL A 194 11.49 -4.42 14.11
N ALA A 195 11.10 -4.48 12.85
CA ALA A 195 11.76 -3.73 11.78
C ALA A 195 11.01 -2.44 11.47
N LEU A 196 9.69 -2.53 11.36
CA LEU A 196 8.86 -1.42 10.92
C LEU A 196 7.62 -1.27 11.82
N ILE A 197 7.21 -0.03 12.07
CA ILE A 197 5.95 0.24 12.75
C ILE A 197 5.06 0.96 11.74
N MET A 198 4.02 0.27 11.31
CA MET A 198 3.17 0.72 10.21
C MET A 198 1.82 1.17 10.74
N ASN A 199 1.20 2.08 9.99
CA ASN A 199 -0.17 2.52 10.22
C ASN A 199 -1.00 2.09 9.01
N SER A 200 -2.21 1.58 9.24
CA SER A 200 -3.14 1.38 8.11
C SER A 200 -3.76 2.70 7.59
N SER A 201 -4.53 2.60 6.49
CA SER A 201 -5.19 3.76 5.86
C SER A 201 -6.62 4.02 6.38
N LEU A 206 -8.28 6.53 15.35
CA LEU A 206 -6.85 6.81 15.56
C LEU A 206 -5.97 5.58 15.25
N PRO A 207 -4.91 5.81 14.45
CA PRO A 207 -4.02 4.72 13.98
C PRO A 207 -3.39 3.90 15.10
N LYS A 208 -3.24 2.61 14.86
CA LYS A 208 -2.50 1.76 15.78
C LYS A 208 -1.13 1.49 15.18
N GLY A 209 -0.14 1.20 16.03
CA GLY A 209 1.18 0.83 15.59
C GLY A 209 1.31 -0.66 15.30
N VAL A 210 1.34 -1.03 14.02
CA VAL A 210 1.51 -2.43 13.58
C VAL A 210 3.00 -2.85 13.55
N GLN A 211 3.37 -3.82 14.38
CA GLN A 211 4.77 -4.21 14.44
C GLN A 211 5.09 -5.32 13.48
N LEU A 212 6.01 -5.05 12.55
CA LEU A 212 6.45 -6.07 11.62
C LEU A 212 7.88 -6.43 11.91
N THR A 213 8.22 -7.70 11.81
CA THR A 213 9.56 -8.17 12.15
C THR A 213 10.40 -8.43 10.90
N HIS A 214 11.67 -8.79 11.10
CA HIS A 214 12.60 -9.09 10.02
C HIS A 214 12.21 -10.36 9.29
N GLU A 215 11.63 -11.31 10.03
CA GLU A 215 11.03 -12.51 9.46
C GLU A 215 9.85 -12.21 8.53
N ASN A 216 8.95 -11.31 8.92
CA ASN A 216 7.88 -10.89 8.02
C ASN A 216 8.47 -10.39 6.71
N ILE A 217 9.51 -9.55 6.81
CA ILE A 217 10.07 -8.87 5.65
C ILE A 217 10.82 -9.82 4.71
N VAL A 218 11.70 -10.65 5.27
CA VAL A 218 12.43 -11.64 4.44
C VAL A 218 11.50 -12.60 3.73
N THR A 219 10.30 -12.84 4.26
CA THR A 219 9.30 -13.64 3.54
C THR A 219 8.75 -12.92 2.30
N ARG A 220 8.37 -11.66 2.47
CA ARG A 220 8.04 -10.80 1.35
C ARG A 220 9.12 -10.86 0.25
N PHE A 221 10.40 -10.89 0.62
CA PHE A 221 11.49 -10.87 -0.36
C PHE A 221 11.45 -12.15 -1.22
N SER A 222 11.08 -13.26 -0.57
CA SER A 222 10.87 -14.50 -1.29
C SER A 222 9.72 -14.40 -2.29
N HIS A 223 8.57 -13.84 -1.90
CA HIS A 223 7.45 -13.60 -2.82
C HIS A 223 7.80 -12.65 -3.97
N ALA A 224 8.53 -11.57 -3.66
CA ALA A 224 8.88 -10.53 -4.64
C ALA A 224 9.59 -11.07 -5.90
N ARG A 225 10.45 -12.07 -5.71
CA ARG A 225 11.30 -12.60 -6.79
C ARG A 225 10.76 -13.94 -7.30
N ASP A 226 9.62 -14.36 -6.77
CA ASP A 226 8.99 -15.58 -7.24
C ASP A 226 8.54 -15.39 -8.68
N PRO A 227 8.82 -16.35 -9.57
CA PRO A 227 8.48 -16.16 -10.97
C PRO A 227 6.97 -16.24 -11.25
N ILE A 228 6.18 -16.82 -10.34
CA ILE A 228 4.73 -16.89 -10.49
C ILE A 228 4.03 -15.82 -9.65
N TYR A 229 4.46 -15.65 -8.41
CA TYR A 229 3.80 -14.71 -7.46
C TYR A 229 4.45 -13.34 -7.33
N GLY A 230 5.63 -13.18 -7.93
CA GLY A 230 6.29 -11.88 -7.94
C GLY A 230 6.63 -11.43 -9.34
N ASN A 231 7.82 -10.84 -9.47
CA ASN A 231 8.37 -10.45 -10.76
C ASN A 231 9.74 -11.10 -10.95
N GLN A 232 10.06 -11.47 -12.18
CA GLN A 232 11.37 -12.06 -12.44
C GLN A 232 12.43 -10.98 -12.29
N VAL A 233 13.50 -11.31 -11.57
CA VAL A 233 14.72 -10.52 -11.56
C VAL A 233 15.15 -10.11 -13.01
N SER A 234 15.40 -8.82 -13.18
CA SER A 234 15.70 -8.22 -14.48
C SER A 234 16.19 -6.79 -14.29
N PRO A 235 17.43 -6.62 -13.80
CA PRO A 235 17.97 -5.27 -13.51
C PRO A 235 17.82 -4.29 -14.67
N GLY A 236 17.53 -3.04 -14.34
CA GLY A 236 17.36 -2.02 -15.35
C GLY A 236 15.94 -1.86 -15.87
N THR A 237 15.11 -2.89 -15.70
CA THR A 237 13.68 -2.81 -15.98
C THR A 237 13.04 -1.68 -15.17
N ALA A 238 12.34 -0.76 -15.85
CA ALA A 238 11.68 0.36 -15.20
C ALA A 238 10.25 0.02 -14.81
N VAL A 239 9.87 0.36 -13.58
CA VAL A 239 8.51 0.18 -13.06
C VAL A 239 7.94 1.54 -12.61
N LEU A 240 6.71 1.85 -12.98
CA LEU A 240 6.12 3.11 -12.53
C LEU A 240 5.22 2.87 -11.32
N THR A 241 5.52 3.58 -10.23
CA THR A 241 4.68 3.53 -9.02
C THR A 241 4.07 4.89 -8.62
N VAL A 242 2.75 4.85 -8.34
CA VAL A 242 2.03 5.99 -7.81
C VAL A 242 1.46 5.70 -6.40
N VAL A 243 1.93 4.64 -5.75
CA VAL A 243 1.39 4.30 -4.42
C VAL A 243 2.21 4.95 -3.29
N PRO A 244 1.54 5.32 -2.19
CA PRO A 244 2.23 5.93 -1.04
C PRO A 244 3.23 5.00 -0.36
N PHE A 245 4.45 5.51 -0.15
CA PHE A 245 5.57 4.76 0.36
C PHE A 245 5.45 4.42 1.85
N HIS A 246 4.78 5.28 2.61
CA HIS A 246 4.68 5.10 4.07
C HIS A 246 3.73 3.95 4.43
N HIS A 247 2.83 3.63 3.51
CA HIS A 247 1.89 2.55 3.68
C HIS A 247 2.49 1.22 3.16
N GLY A 248 2.09 0.09 3.76
CA GLY A 248 2.53 -1.23 3.35
C GLY A 248 2.40 -1.55 1.86
N PHE A 249 1.40 -0.96 1.19
CA PHE A 249 1.27 -1.06 -0.26
C PHE A 249 2.59 -0.58 -0.96
N GLY A 250 3.02 0.65 -0.63
CA GLY A 250 4.23 1.25 -1.13
C GLY A 250 5.53 0.77 -0.48
N MET A 251 5.49 0.50 0.81
CA MET A 251 6.66 -0.02 1.46
C MET A 251 7.15 -1.33 0.79
N PHE A 252 6.27 -2.30 0.66
CA PHE A 252 6.72 -3.67 0.34
C PHE A 252 6.73 -4.07 -1.13
N THR A 253 6.04 -3.31 -1.97
CA THR A 253 6.29 -3.40 -3.40
C THR A 253 7.66 -2.79 -3.73
N THR A 254 7.95 -1.61 -3.17
CA THR A 254 9.23 -0.93 -3.42
C THR A 254 10.44 -1.71 -2.96
N LEU A 255 10.40 -2.28 -1.76
CA LEU A 255 11.55 -3.04 -1.27
C LEU A 255 11.81 -4.28 -2.12
N GLY A 256 10.73 -4.95 -2.52
CA GLY A 256 10.78 -6.04 -3.49
C GLY A 256 11.31 -5.63 -4.86
N TYR A 257 11.02 -4.40 -5.32
CA TYR A 257 11.63 -3.93 -6.55
C TYR A 257 13.15 -3.75 -6.45
N LEU A 258 13.63 -3.25 -5.31
CA LEU A 258 15.08 -3.10 -5.07
C LEU A 258 15.81 -4.45 -5.01
N ILE A 259 15.16 -5.45 -4.41
CA ILE A 259 15.62 -6.84 -4.47
C ILE A 259 15.73 -7.33 -5.94
N CYS A 260 14.76 -6.95 -6.76
CA CYS A 260 14.72 -7.37 -8.16
C CYS A 260 15.62 -6.56 -9.13
N GLY A 261 16.14 -5.43 -8.66
CA GLY A 261 17.06 -4.62 -9.44
C GLY A 261 16.38 -3.63 -10.35
N PHE A 262 15.08 -3.45 -10.15
CA PHE A 262 14.30 -2.59 -11.00
C PHE A 262 14.69 -1.12 -10.85
N ARG A 263 14.34 -0.34 -11.86
CA ARG A 263 14.44 1.09 -11.77
C ARG A 263 13.07 1.59 -11.29
N VAL A 264 13.02 2.21 -10.12
CA VAL A 264 11.72 2.60 -9.58
C VAL A 264 11.41 4.03 -10.00
N VAL A 265 10.45 4.14 -10.92
CA VAL A 265 10.02 5.45 -11.39
C VAL A 265 8.83 5.91 -10.55
N MET A 266 9.02 7.02 -9.87
CA MET A 266 8.09 7.49 -8.87
C MET A 266 7.39 8.75 -9.37
N LEU A 267 6.08 8.77 -9.21
CA LEU A 267 5.27 9.89 -9.65
C LEU A 267 4.45 10.33 -8.45
N THR A 268 4.75 11.53 -7.94
CA THR A 268 4.18 12.01 -6.68
C THR A 268 2.75 12.42 -6.82
N LYS A 269 2.54 13.49 -7.59
CA LYS A 269 1.21 13.96 -7.89
C LYS A 269 0.82 13.39 -9.25
N PHE A 270 -0.37 12.78 -9.29
CA PHE A 270 -0.88 12.21 -10.54
C PHE A 270 -1.42 13.26 -11.50
N ASP A 271 -1.16 13.04 -12.78
CA ASP A 271 -1.58 13.97 -13.81
C ASP A 271 -1.66 13.17 -15.13
N GLU A 272 -2.81 13.23 -15.82
CA GLU A 272 -3.04 12.34 -16.96
C GLU A 272 -1.92 12.36 -18.00
N GLU A 273 -1.55 13.56 -18.44
CA GLU A 273 -0.53 13.75 -19.45
C GLU A 273 0.86 13.32 -18.97
N THR A 274 1.19 13.71 -17.74
CA THR A 274 2.46 13.38 -17.08
C THR A 274 2.59 11.88 -16.86
N PHE A 275 1.50 11.27 -16.42
CA PHE A 275 1.40 9.82 -16.29
C PHE A 275 1.79 9.07 -17.59
N LEU A 276 1.19 9.49 -18.70
CA LEU A 276 1.40 8.86 -20.01
C LEU A 276 2.80 9.16 -20.60
N LYS A 277 3.25 10.41 -20.44
CA LYS A 277 4.60 10.82 -20.86
C LYS A 277 5.64 9.98 -20.16
N THR A 278 5.48 9.83 -18.84
CA THR A 278 6.37 9.03 -18.01
C THR A 278 6.44 7.59 -18.49
N LEU A 279 5.29 6.92 -18.65
CA LEU A 279 5.26 5.54 -19.18
C LEU A 279 6.04 5.41 -20.48
N GLN A 280 5.91 6.40 -21.34
CA GLN A 280 6.61 6.36 -22.62
C GLN A 280 8.09 6.60 -22.43
N ASP A 281 8.44 7.72 -21.78
CA ASP A 281 9.83 8.23 -21.68
C ASP A 281 10.78 7.32 -20.92
N TYR A 282 10.24 6.53 -20.01
CA TYR A 282 11.08 5.60 -19.25
C TYR A 282 10.89 4.17 -19.68
N LYS A 283 10.06 3.97 -20.70
CA LYS A 283 9.80 2.65 -21.28
C LYS A 283 9.41 1.67 -20.19
N CYS A 284 8.53 2.12 -19.31
CA CYS A 284 8.10 1.35 -18.17
C CYS A 284 7.50 0.03 -18.60
N THR A 285 7.91 -1.02 -17.92
CA THR A 285 7.46 -2.38 -18.20
C THR A 285 6.20 -2.69 -17.40
N SER A 286 6.03 -1.99 -16.29
CA SER A 286 4.99 -2.33 -15.39
C SER A 286 4.54 -1.08 -14.66
N VAL A 287 3.31 -1.08 -14.17
CA VAL A 287 2.83 0.06 -13.40
C VAL A 287 1.91 -0.44 -12.30
N ILE A 288 2.11 0.13 -11.11
CA ILE A 288 1.32 -0.21 -9.94
C ILE A 288 0.51 0.99 -9.45
N LEU A 289 -0.80 0.76 -9.28
CA LEU A 289 -1.78 1.82 -9.09
C LEU A 289 -2.78 1.48 -8.00
N VAL A 290 -3.35 2.53 -7.43
CA VAL A 290 -4.57 2.46 -6.64
C VAL A 290 -5.78 2.50 -7.58
N PRO A 291 -6.87 1.82 -7.20
CA PRO A 291 -8.03 1.62 -8.08
C PRO A 291 -8.69 2.91 -8.60
N THR A 292 -8.59 3.99 -7.84
CA THR A 292 -9.15 5.28 -8.24
C THR A 292 -8.69 5.67 -9.65
N LEU A 293 -7.41 5.43 -9.92
CA LEU A 293 -6.79 5.86 -11.16
C LEU A 293 -7.28 5.17 -12.42
N PHE A 294 -7.79 3.95 -12.27
CA PHE A 294 -8.34 3.23 -13.43
C PHE A 294 -9.45 4.00 -14.13
N ALA A 295 -10.24 4.73 -13.33
CA ALA A 295 -11.39 5.49 -13.80
C ALA A 295 -10.93 6.51 -14.82
N ILE A 296 -9.84 7.21 -14.50
CA ILE A 296 -9.20 8.15 -15.39
C ILE A 296 -8.68 7.50 -16.71
N LEU A 297 -8.01 6.35 -16.61
CA LEU A 297 -7.43 5.64 -17.77
C LEU A 297 -8.47 5.06 -18.73
N ASN A 298 -9.63 4.71 -18.20
CA ASN A 298 -10.71 4.14 -19.01
C ASN A 298 -11.37 5.21 -19.87
N LYS A 299 -11.39 6.44 -19.38
CA LYS A 299 -11.99 7.58 -20.08
C LYS A 299 -10.99 8.37 -20.95
N SER A 300 -9.69 8.13 -20.74
CA SER A 300 -8.64 8.96 -21.35
C SER A 300 -8.63 8.92 -22.87
N GLU A 301 -8.62 10.10 -23.48
CA GLU A 301 -8.58 10.23 -24.94
C GLU A 301 -7.13 10.34 -25.43
N LEU A 302 -6.20 10.33 -24.50
CA LEU A 302 -4.80 10.60 -24.83
C LEU A 302 -3.96 9.35 -25.10
N LEU A 303 -4.41 8.19 -24.62
CA LEU A 303 -3.68 6.91 -24.74
C LEU A 303 -2.95 6.70 -26.06
N ASN A 304 -3.60 7.10 -27.14
CA ASN A 304 -3.12 6.81 -28.47
C ASN A 304 -1.97 7.69 -28.95
N LYS A 305 -1.82 8.87 -28.37
CA LYS A 305 -0.74 9.79 -28.72
C LYS A 305 0.62 9.45 -28.05
N TYR A 306 0.68 8.31 -27.37
CA TYR A 306 1.89 7.92 -26.65
C TYR A 306 2.33 6.52 -27.05
N ASP A 307 3.64 6.28 -27.06
CA ASP A 307 4.14 4.92 -27.26
C ASP A 307 4.12 4.18 -25.92
N LEU A 308 3.19 3.23 -25.80
CA LEU A 308 3.01 2.44 -24.59
C LEU A 308 3.27 0.97 -24.88
N SER A 309 4.01 0.73 -25.96
CA SER A 309 4.23 -0.62 -26.45
C SER A 309 5.02 -1.51 -25.50
N ASN A 310 5.83 -0.90 -24.61
CA ASN A 310 6.67 -1.61 -23.63
C ASN A 310 5.94 -2.11 -22.37
N LEU A 311 4.78 -1.54 -22.07
CA LEU A 311 4.00 -1.87 -20.88
C LEU A 311 3.42 -3.27 -20.99
N VAL A 312 3.84 -4.16 -20.11
CA VAL A 312 3.41 -5.56 -20.19
C VAL A 312 2.52 -5.99 -19.00
N GLU A 313 2.44 -5.13 -17.98
CA GLU A 313 1.75 -5.46 -16.75
C GLU A 313 1.14 -4.21 -16.12
N ILE A 314 -0.12 -4.32 -15.74
CA ILE A 314 -0.79 -3.28 -14.95
C ILE A 314 -1.27 -3.93 -13.67
N ALA A 315 -0.79 -3.41 -12.54
CA ALA A 315 -1.11 -3.96 -11.22
C ALA A 315 -1.98 -3.02 -10.36
N SER A 316 -2.80 -3.61 -9.50
CA SER A 316 -3.66 -2.83 -8.60
C SER A 316 -3.78 -3.49 -7.23
N GLY A 317 -4.14 -2.68 -6.24
CA GLY A 317 -4.38 -3.17 -4.89
C GLY A 317 -4.95 -2.08 -4.02
N GLY A 318 -5.22 -2.42 -2.76
CA GLY A 318 -5.53 -1.44 -1.75
C GLY A 318 -6.98 -1.29 -1.42
N ALA A 319 -7.84 -1.54 -2.42
CA ALA A 319 -9.25 -1.22 -2.37
C ALA A 319 -9.95 -2.03 -3.46
N PRO A 320 -11.26 -2.25 -3.36
CA PRO A 320 -11.97 -3.06 -4.35
C PRO A 320 -11.82 -2.46 -5.75
N LEU A 321 -11.64 -3.32 -6.75
CA LEU A 321 -11.53 -2.80 -8.10
C LEU A 321 -12.70 -3.32 -8.94
N SER A 322 -13.45 -2.40 -9.53
CA SER A 322 -14.51 -2.80 -10.45
C SER A 322 -13.99 -3.76 -11.54
N LYS A 323 -14.51 -4.98 -11.53
CA LYS A 323 -14.13 -5.98 -12.53
C LYS A 323 -14.36 -5.46 -13.96
N GLU A 324 -15.45 -4.73 -14.19
CA GLU A 324 -15.77 -4.20 -15.52
C GLU A 324 -14.82 -3.09 -15.99
N VAL A 325 -14.44 -2.21 -15.07
CA VAL A 325 -13.53 -1.12 -15.37
C VAL A 325 -12.12 -1.70 -15.60
N GLY A 326 -11.70 -2.62 -14.72
CA GLY A 326 -10.45 -3.35 -14.86
C GLY A 326 -10.29 -4.06 -16.19
N GLU A 327 -11.33 -4.78 -16.62
CA GLU A 327 -11.37 -5.47 -17.91
C GLU A 327 -11.21 -4.48 -19.05
N ALA A 328 -11.98 -3.40 -19.01
CA ALA A 328 -11.95 -2.35 -20.03
C ALA A 328 -10.55 -1.73 -20.17
N VAL A 329 -9.89 -1.48 -19.02
CA VAL A 329 -8.55 -0.90 -18.99
C VAL A 329 -7.50 -1.90 -19.54
N ALA A 330 -7.66 -3.17 -19.21
CA ALA A 330 -6.80 -4.22 -19.74
C ALA A 330 -6.93 -4.26 -21.26
N ARG A 331 -8.18 -4.19 -21.73
CA ARG A 331 -8.49 -4.13 -23.16
C ARG A 331 -7.87 -2.92 -23.87
N ARG A 332 -7.95 -1.75 -23.25
CA ARG A 332 -7.39 -0.53 -23.84
C ARG A 332 -5.86 -0.60 -24.02
N PHE A 333 -5.16 -1.17 -23.03
CA PHE A 333 -3.70 -1.35 -23.08
C PHE A 333 -3.24 -2.65 -23.71
N ASN A 334 -4.18 -3.39 -24.30
CA ASN A 334 -3.89 -4.66 -24.99
C ASN A 334 -3.19 -5.70 -24.11
N LEU A 335 -3.63 -5.81 -22.86
CA LEU A 335 -3.07 -6.80 -21.94
C LEU A 335 -4.13 -7.86 -21.62
N PRO A 336 -3.69 -9.02 -21.12
CA PRO A 336 -4.61 -10.11 -20.78
C PRO A 336 -5.51 -9.80 -19.58
N GLY A 337 -4.99 -9.07 -18.60
CA GLY A 337 -5.77 -8.72 -17.44
C GLY A 337 -5.04 -7.73 -16.55
N VAL A 338 -5.58 -7.54 -15.35
CA VAL A 338 -4.97 -6.71 -14.34
C VAL A 338 -4.39 -7.64 -13.27
N ARG A 339 -3.18 -7.35 -12.84
CA ARG A 339 -2.58 -8.10 -11.76
C ARG A 339 -3.00 -7.49 -10.44
N GLN A 340 -3.76 -8.21 -9.64
CA GLN A 340 -4.21 -7.70 -8.35
C GLN A 340 -3.38 -8.32 -7.23
N GLY A 341 -3.20 -7.55 -6.16
CA GLY A 341 -2.72 -8.05 -4.88
C GLY A 341 -3.77 -7.66 -3.82
N TYR A 342 -3.96 -8.52 -2.83
CA TYR A 342 -4.77 -8.22 -1.64
C TYR A 342 -4.02 -8.60 -0.35
N GLY A 343 -4.04 -7.69 0.61
CA GLY A 343 -3.52 -7.91 1.93
C GLY A 343 -3.90 -6.79 2.88
N LEU A 344 -3.34 -6.82 4.08
CA LEU A 344 -3.66 -5.87 5.14
C LEU A 344 -2.33 -5.39 5.64
N THR A 345 -2.30 -4.23 6.31
CA THR A 345 -1.10 -3.82 7.06
C THR A 345 -0.59 -4.94 8.02
N GLU A 346 -1.52 -5.52 8.77
CA GLU A 346 -1.29 -6.65 9.69
C GLU A 346 -0.65 -7.95 9.12
N THR A 347 -0.74 -8.15 7.79
CA THR A 347 -0.13 -9.31 7.11
C THR A 347 1.06 -8.89 6.26
N THR A 348 1.68 -7.76 6.63
CA THR A 348 2.87 -7.21 5.95
C THR A 348 2.57 -6.68 4.56
N SER A 349 2.14 -7.57 3.67
CA SER A 349 1.98 -7.26 2.26
C SER A 349 0.87 -8.14 1.71
N ALA A 350 0.88 -8.34 0.40
CA ALA A 350 -0.19 -9.09 -0.21
C ALA A 350 -0.03 -10.59 0.12
N ILE A 351 -1.11 -11.19 0.63
CA ILE A 351 -1.13 -12.63 0.84
C ILE A 351 -1.98 -13.37 -0.20
N ILE A 352 -2.69 -12.60 -1.03
CA ILE A 352 -3.37 -13.13 -2.21
C ILE A 352 -2.90 -12.31 -3.43
N ILE A 353 -2.38 -13.00 -4.45
CA ILE A 353 -1.74 -12.36 -5.60
C ILE A 353 -2.11 -13.09 -6.87
N THR A 354 -2.44 -12.33 -7.92
CA THR A 354 -2.68 -12.88 -9.24
C THR A 354 -1.40 -13.60 -9.70
N PRO A 355 -1.49 -14.90 -9.99
CA PRO A 355 -0.34 -15.68 -10.47
C PRO A 355 -0.05 -15.33 -11.92
N GLU A 356 1.22 -15.17 -12.29
CA GLU A 356 1.63 -14.89 -13.66
C GLU A 356 0.97 -15.89 -14.64
N GLY A 357 0.32 -15.35 -15.68
CA GLY A 357 -0.40 -16.14 -16.67
C GLY A 357 -1.58 -16.96 -16.15
N ASP A 358 -2.31 -16.42 -15.16
CA ASP A 358 -3.45 -17.11 -14.56
C ASP A 358 -4.44 -16.05 -14.07
N ASP A 359 -4.58 -15.00 -14.88
CA ASP A 359 -5.53 -13.90 -14.68
C ASP A 359 -6.97 -14.41 -14.79
N LYS A 360 -7.85 -13.85 -13.97
CA LYS A 360 -9.30 -14.13 -14.04
C LYS A 360 -9.98 -12.84 -13.64
N PRO A 361 -10.89 -12.36 -14.49
CA PRO A 361 -11.51 -11.05 -14.26
C PRO A 361 -12.22 -10.98 -12.91
N GLY A 362 -11.88 -9.94 -12.14
CA GLY A 362 -12.50 -9.71 -10.84
C GLY A 362 -11.87 -10.47 -9.69
N ALA A 363 -10.94 -11.40 -9.97
CA ALA A 363 -10.21 -12.10 -8.89
C ALA A 363 -9.06 -11.28 -8.32
N SER A 364 -8.84 -11.42 -7.02
CA SER A 364 -7.66 -10.84 -6.37
C SER A 364 -6.47 -11.77 -6.48
N GLY A 365 -6.71 -13.03 -6.84
CA GLY A 365 -5.63 -13.94 -7.10
C GLY A 365 -5.66 -15.23 -6.30
N LYS A 366 -4.49 -15.71 -5.92
CA LYS A 366 -4.41 -16.96 -5.20
C LYS A 366 -3.49 -16.82 -3.98
N VAL A 367 -3.64 -17.74 -3.04
CA VAL A 367 -2.88 -17.73 -1.82
C VAL A 367 -1.38 -17.80 -2.12
N VAL A 368 -0.60 -16.90 -1.50
CA VAL A 368 0.83 -16.82 -1.74
C VAL A 368 1.51 -18.02 -1.06
N PRO A 369 2.70 -18.38 -1.53
CA PRO A 369 3.51 -19.42 -0.89
C PRO A 369 3.68 -19.19 0.61
N LEU A 370 3.54 -20.28 1.36
CA LEU A 370 3.70 -20.34 2.83
C LEU A 370 2.49 -19.84 3.63
N PHE A 371 1.40 -19.51 2.94
CA PHE A 371 0.20 -19.05 3.62
C PHE A 371 -0.96 -20.03 3.53
N LYS A 372 -1.89 -19.89 4.46
CA LYS A 372 -3.16 -20.60 4.43
C LYS A 372 -4.30 -19.60 4.49
N ALA A 373 -5.42 -19.93 3.84
CA ALA A 373 -6.59 -19.09 3.90
C ALA A 373 -7.84 -19.93 4.09
N LYS A 374 -8.82 -19.37 4.82
CA LYS A 374 -10.17 -19.95 4.85
C LYS A 374 -11.24 -18.87 4.84
N VAL A 375 -12.45 -19.28 4.46
CA VAL A 375 -13.60 -18.38 4.48
C VAL A 375 -14.59 -18.92 5.52
N ILE A 376 -14.93 -18.08 6.51
CA ILE A 376 -15.82 -18.49 7.60
C ILE A 376 -17.20 -17.85 7.55
N ASP A 377 -18.20 -18.66 7.89
CA ASP A 377 -19.59 -18.20 7.93
C ASP A 377 -19.69 -17.12 8.98
N LEU A 378 -20.39 -16.06 8.65
CA LEU A 378 -20.59 -14.94 9.56
C LEU A 378 -21.31 -15.35 10.83
N ASP A 379 -22.36 -16.17 10.70
CA ASP A 379 -23.15 -16.60 11.84
C ASP A 379 -22.52 -17.70 12.71
N THR A 380 -22.04 -18.77 12.06
CA THR A 380 -21.65 -20.01 12.74
C THR A 380 -20.14 -20.19 12.96
N LYS A 381 -19.34 -19.28 12.40
CA LYS A 381 -17.87 -19.35 12.42
C LYS A 381 -17.27 -20.61 11.76
N LYS A 382 -18.10 -21.35 11.01
CA LYS A 382 -17.66 -22.58 10.35
C LYS A 382 -17.09 -22.29 8.97
N SER A 383 -16.07 -23.08 8.59
CA SER A 383 -15.46 -23.03 7.26
C SER A 383 -16.46 -23.21 6.13
N LEU A 384 -16.18 -22.59 4.98
CA LEU A 384 -17.06 -22.72 3.83
C LEU A 384 -16.33 -23.30 2.63
N GLY A 385 -17.09 -23.99 1.77
CA GLY A 385 -16.59 -24.47 0.49
C GLY A 385 -16.59 -23.33 -0.52
N PRO A 386 -16.19 -23.60 -1.76
CA PRO A 386 -16.21 -22.58 -2.82
C PRO A 386 -17.57 -21.92 -3.03
N ASN A 387 -17.55 -20.70 -3.56
CA ASN A 387 -18.74 -19.95 -3.97
C ASN A 387 -19.72 -19.55 -2.84
N ARG A 388 -19.24 -19.60 -1.60
CA ARG A 388 -20.01 -19.13 -0.46
C ARG A 388 -19.30 -17.95 0.23
N ARG A 389 -19.99 -16.82 0.35
CA ARG A 389 -19.39 -15.60 0.90
C ARG A 389 -19.28 -15.68 2.41
N GLY A 390 -18.19 -15.15 2.94
CA GLY A 390 -17.93 -15.10 4.38
C GLY A 390 -16.68 -14.32 4.69
N GLU A 391 -16.24 -14.36 5.95
CA GLU A 391 -15.05 -13.62 6.34
C GLU A 391 -13.74 -14.37 6.04
N VAL A 392 -12.83 -13.67 5.36
CA VAL A 392 -11.52 -14.20 5.02
C VAL A 392 -10.62 -14.22 6.27
N CYS A 393 -10.00 -15.38 6.52
CA CYS A 393 -9.01 -15.52 7.57
C CYS A 393 -7.75 -16.13 6.97
N VAL A 394 -6.58 -15.73 7.47
CA VAL A 394 -5.33 -16.12 6.86
C VAL A 394 -4.33 -16.43 7.95
N LYS A 395 -3.32 -17.23 7.64
CA LYS A 395 -2.30 -17.65 8.62
C LYS A 395 -0.99 -17.92 7.86
N GLY A 396 0.13 -17.50 8.43
CA GLY A 396 1.42 -17.54 7.74
C GLY A 396 2.44 -16.62 8.37
N PRO A 397 3.69 -16.73 7.92
CA PRO A 397 4.79 -16.01 8.55
C PRO A 397 4.86 -14.52 8.27
N MET A 398 3.88 -13.95 7.56
CA MET A 398 3.81 -12.48 7.46
C MET A 398 2.83 -11.78 8.41
N LEU A 399 2.18 -12.57 9.27
CA LEU A 399 1.38 -11.99 10.36
C LEU A 399 2.25 -11.14 11.27
N MET A 400 1.75 -9.95 11.61
CA MET A 400 2.46 -9.03 12.50
C MET A 400 2.77 -9.65 13.88
N LYS A 401 3.80 -9.10 14.56
CA LYS A 401 4.10 -9.47 15.95
C LYS A 401 2.96 -9.04 16.88
N GLY A 402 2.36 -7.87 16.60
CA GLY A 402 1.25 -7.34 17.37
C GLY A 402 1.17 -5.83 17.30
N TYR A 403 0.11 -5.27 17.89
CA TYR A 403 -0.01 -3.81 18.00
C TYR A 403 0.82 -3.32 19.18
N VAL A 404 1.53 -2.21 19.00
CA VAL A 404 2.33 -1.62 20.08
C VAL A 404 1.42 -1.29 21.28
N ASN A 405 1.79 -1.76 22.46
CA ASN A 405 1.00 -1.51 23.68
C ASN A 405 -0.52 -1.64 23.51
N ASN A 406 -0.96 -2.62 22.72
CA ASN A 406 -2.39 -2.91 22.60
C ASN A 406 -2.64 -4.43 22.52
N PRO A 407 -2.40 -5.15 23.63
CA PRO A 407 -2.59 -6.60 23.64
C PRO A 407 -4.05 -6.96 23.40
N GLU A 408 -4.97 -6.07 23.81
CA GLU A 408 -6.41 -6.28 23.66
C GLU A 408 -6.85 -6.34 22.19
N ALA A 409 -6.49 -5.30 21.43
CA ALA A 409 -6.80 -5.27 20.00
C ALA A 409 -6.08 -6.40 19.25
N THR A 410 -4.89 -6.79 19.71
CA THR A 410 -4.17 -7.88 19.07
C THR A 410 -4.98 -9.17 19.21
N LYS A 411 -5.49 -9.42 20.41
CA LYS A 411 -6.21 -10.66 20.70
C LYS A 411 -7.51 -10.76 19.93
N GLU A 412 -8.15 -9.62 19.69
CA GLU A 412 -9.41 -9.58 18.96
C GLU A 412 -9.24 -9.92 17.47
N LEU A 413 -8.05 -9.66 16.92
CA LEU A 413 -7.74 -9.89 15.52
C LEU A 413 -7.19 -11.28 15.15
N ILE A 414 -6.31 -11.80 16.01
CA ILE A 414 -5.70 -13.11 15.82
C ILE A 414 -6.32 -14.05 16.85
N ASP A 415 -7.00 -15.09 16.39
CA ASP A 415 -7.73 -15.97 17.30
C ASP A 415 -6.83 -17.02 18.01
N GLU A 416 -7.46 -17.81 18.87
CA GLU A 416 -6.79 -18.83 19.69
C GLU A 416 -6.05 -19.90 18.89
N GLU A 417 -6.32 -19.96 17.58
CA GLU A 417 -5.67 -20.94 16.73
C GLU A 417 -4.68 -20.31 15.76
N GLY A 418 -4.39 -19.03 15.96
CA GLY A 418 -3.39 -18.34 15.15
C GLY A 418 -3.88 -17.79 13.82
N TRP A 419 -5.19 -17.87 13.54
CA TRP A 419 -5.78 -17.25 12.35
C TRP A 419 -6.08 -15.77 12.58
N LEU A 420 -5.63 -14.93 11.66
CA LEU A 420 -6.01 -13.52 11.63
C LEU A 420 -7.31 -13.34 10.87
N HIS A 421 -8.24 -12.61 11.49
CA HIS A 421 -9.53 -12.27 10.92
C HIS A 421 -9.49 -10.93 10.17
N THR A 422 -9.62 -10.96 8.85
CA THR A 422 -9.36 -9.77 8.06
C THR A 422 -10.40 -8.67 8.26
N GLY A 423 -11.62 -9.06 8.61
CA GLY A 423 -12.74 -8.13 8.60
C GLY A 423 -13.19 -7.87 7.16
N ASP A 424 -12.71 -8.68 6.21
CA ASP A 424 -13.07 -8.55 4.80
C ASP A 424 -13.98 -9.68 4.40
N ILE A 425 -14.94 -9.37 3.53
CA ILE A 425 -15.79 -10.39 2.98
C ILE A 425 -15.34 -10.81 1.60
N GLY A 426 -15.25 -12.13 1.40
CA GLY A 426 -14.96 -12.68 0.09
C GLY A 426 -15.36 -14.14 -0.08
N TYR A 427 -14.90 -14.74 -1.17
CA TYR A 427 -15.13 -16.14 -1.47
C TYR A 427 -14.07 -16.67 -2.45
N TYR A 428 -13.99 -17.99 -2.58
CA TYR A 428 -13.12 -18.58 -3.59
C TYR A 428 -13.93 -19.48 -4.49
N ASP A 429 -13.48 -19.68 -5.72
CA ASP A 429 -14.20 -20.53 -6.63
C ASP A 429 -13.61 -21.94 -6.68
N GLU A 430 -14.14 -22.78 -7.56
CA GLU A 430 -13.70 -24.18 -7.66
C GLU A 430 -12.20 -24.30 -7.97
N GLU A 431 -11.63 -23.29 -8.61
CA GLU A 431 -10.22 -23.30 -9.00
C GLU A 431 -9.30 -22.63 -7.96
N LYS A 432 -9.88 -22.21 -6.84
CA LYS A 432 -9.16 -21.60 -5.71
C LYS A 432 -8.71 -20.14 -5.94
N HIS A 433 -9.32 -19.50 -6.93
CA HIS A 433 -9.18 -18.06 -7.14
C HIS A 433 -10.04 -17.34 -6.07
N PHE A 434 -9.44 -16.34 -5.42
CA PHE A 434 -10.10 -15.57 -4.38
C PHE A 434 -10.67 -14.27 -4.89
N PHE A 435 -11.91 -13.99 -4.50
CA PHE A 435 -12.60 -12.75 -4.85
C PHE A 435 -12.90 -11.98 -3.57
N ILE A 436 -12.41 -10.74 -3.52
CA ILE A 436 -12.63 -9.92 -2.33
C ILE A 436 -13.75 -8.92 -2.65
N VAL A 437 -14.77 -8.89 -1.81
CA VAL A 437 -15.98 -8.16 -2.16
C VAL A 437 -15.95 -6.74 -1.56
N ASP A 438 -15.77 -6.67 -0.25
CA ASP A 438 -15.81 -5.43 0.49
C ASP A 438 -15.49 -5.69 1.95
N ARG A 439 -15.45 -4.63 2.75
CA ARG A 439 -15.24 -4.73 4.18
C ARG A 439 -16.58 -5.07 4.88
N LEU A 440 -16.53 -6.03 5.80
CA LEU A 440 -17.66 -6.41 6.65
C LEU A 440 -18.34 -5.18 7.32
N LYS A 441 -17.56 -4.32 7.97
CA LYS A 441 -18.12 -3.13 8.59
C LYS A 441 -18.85 -2.16 7.64
N SER A 442 -18.69 -2.36 6.33
CA SER A 442 -19.32 -1.52 5.30
C SER A 442 -20.63 -2.05 4.71
N LEU A 443 -20.94 -3.32 4.95
CA LEU A 443 -22.16 -3.89 4.39
C LEU A 443 -23.36 -3.04 4.82
N ILE A 444 -24.27 -2.81 3.90
CA ILE A 444 -25.45 -2.00 4.20
C ILE A 444 -26.57 -2.94 4.63
N LYS A 445 -27.09 -2.71 5.84
CA LYS A 445 -28.10 -3.61 6.39
C LYS A 445 -29.49 -3.09 6.04
N TYR A 446 -29.90 -3.38 4.81
CA TYR A 446 -31.24 -3.07 4.30
C TYR A 446 -32.16 -4.24 4.56
N LYS A 447 -33.09 -4.08 5.51
CA LYS A 447 -33.91 -5.20 5.98
C LYS A 447 -32.99 -6.38 6.32
N GLY A 448 -33.22 -7.55 5.71
CA GLY A 448 -32.41 -8.72 5.99
C GLY A 448 -31.26 -8.92 5.01
N TYR A 449 -31.12 -7.97 4.08
CA TYR A 449 -30.02 -7.99 3.10
C TYR A 449 -28.74 -7.38 3.65
N GLN A 450 -27.61 -7.92 3.18
CA GLN A 450 -26.31 -7.32 3.37
C GLN A 450 -25.74 -6.87 2.02
N VAL A 451 -25.83 -5.57 1.75
CA VAL A 451 -25.47 -5.00 0.46
C VAL A 451 -24.06 -4.38 0.47
N PRO A 452 -23.14 -4.92 -0.34
CA PRO A 452 -21.77 -4.38 -0.47
C PRO A 452 -21.76 -3.07 -1.27
N PRO A 453 -21.26 -1.99 -0.68
CA PRO A 453 -21.11 -0.72 -1.40
C PRO A 453 -20.26 -0.83 -2.66
N ALA A 454 -19.28 -1.73 -2.68
CA ALA A 454 -18.40 -1.87 -3.85
C ALA A 454 -19.16 -2.34 -5.09
N GLU A 455 -20.12 -3.23 -4.90
CA GLU A 455 -20.97 -3.67 -6.02
C GLU A 455 -21.73 -2.51 -6.66
N LEU A 456 -22.27 -1.61 -5.85
CA LEU A 456 -22.98 -0.45 -6.38
C LEU A 456 -22.05 0.63 -6.93
N GLU A 457 -20.90 0.80 -6.29
CA GLU A 457 -19.84 1.66 -6.82
C GLU A 457 -19.45 1.27 -8.26
N SER A 458 -19.40 -0.03 -8.53
CA SER A 458 -18.97 -0.56 -9.81
C SER A 458 -19.94 -0.12 -10.92
N VAL A 459 -21.22 -0.38 -10.69
CA VAL A 459 -22.29 0.08 -11.54
C VAL A 459 -22.18 1.58 -11.82
N LEU A 460 -22.02 2.37 -10.76
CA LEU A 460 -21.93 3.81 -10.93
C LEU A 460 -20.71 4.23 -11.77
N LEU A 461 -19.61 3.48 -11.65
CA LEU A 461 -18.39 3.80 -12.37
C LEU A 461 -18.47 3.50 -13.86
N GLN A 462 -19.34 2.56 -14.24
CA GLN A 462 -19.54 2.26 -15.66
C GLN A 462 -20.30 3.36 -16.42
N HIS A 463 -20.85 4.32 -15.68
CA HIS A 463 -21.55 5.43 -16.32
C HIS A 463 -20.62 6.49 -16.93
N PRO A 464 -20.85 6.83 -18.21
CA PRO A 464 -20.01 7.80 -18.94
C PRO A 464 -19.94 9.20 -18.31
N SER A 465 -20.98 9.61 -17.58
CA SER A 465 -21.00 10.94 -16.97
C SER A 465 -20.44 10.97 -15.54
N ILE A 466 -20.12 9.79 -14.99
CA ILE A 466 -19.67 9.67 -13.60
C ILE A 466 -18.19 9.38 -13.57
N PHE A 467 -17.46 10.28 -12.91
CA PHE A 467 -16.02 10.19 -12.80
C PHE A 467 -15.63 9.31 -11.59
N ASP A 468 -16.28 9.55 -10.46
CA ASP A 468 -16.01 8.86 -9.22
C ASP A 468 -17.30 8.73 -8.40
N ALA A 469 -17.39 7.68 -7.60
CA ALA A 469 -18.54 7.47 -6.73
C ALA A 469 -18.16 6.75 -5.45
N GLY A 470 -18.98 6.94 -4.41
CA GLY A 470 -18.84 6.24 -3.15
C GLY A 470 -20.20 5.97 -2.54
N VAL A 471 -20.34 4.82 -1.89
CA VAL A 471 -21.64 4.35 -1.39
C VAL A 471 -21.55 3.99 0.09
N ALA A 472 -22.56 4.41 0.85
CA ALA A 472 -22.72 4.01 2.27
C ALA A 472 -24.20 3.93 2.65
N GLY A 473 -24.46 3.33 3.80
CA GLY A 473 -25.80 3.23 4.35
C GLY A 473 -26.25 4.48 5.10
N VAL A 474 -27.53 4.84 4.92
CA VAL A 474 -28.17 5.98 5.57
C VAL A 474 -29.25 5.43 6.51
N PRO A 475 -29.24 5.83 7.79
CA PRO A 475 -30.18 5.26 8.78
C PRO A 475 -31.62 5.48 8.39
N ASP A 476 -32.44 4.48 8.69
CA ASP A 476 -33.83 4.51 8.33
C ASP A 476 -34.62 3.74 9.37
N PRO A 477 -35.68 4.37 9.89
CA PRO A 477 -36.54 3.75 10.92
C PRO A 477 -37.29 2.51 10.46
N VAL A 478 -37.60 2.40 9.16
CA VAL A 478 -38.31 1.23 8.62
C VAL A 478 -37.35 0.10 8.27
N ALA A 479 -36.36 0.41 7.40
CA ALA A 479 -35.50 -0.61 6.82
C ALA A 479 -34.16 -0.84 7.55
N GLY A 480 -33.79 0.03 8.49
CA GLY A 480 -32.52 -0.08 9.17
C GLY A 480 -31.48 0.78 8.50
N GLU A 481 -31.15 0.43 7.25
CA GLU A 481 -30.20 1.17 6.41
C GLU A 481 -30.62 1.22 4.94
N LEU A 482 -30.42 2.37 4.31
CA LEU A 482 -30.69 2.57 2.88
C LEU A 482 -29.41 2.93 2.13
N PRO A 483 -29.19 2.33 0.96
CA PRO A 483 -27.98 2.61 0.18
C PRO A 483 -28.08 3.99 -0.43
N GLY A 484 -27.11 4.83 -0.16
CA GLY A 484 -27.04 6.13 -0.80
C GLY A 484 -25.70 6.30 -1.45
N ALA A 485 -25.54 7.33 -2.28
CA ALA A 485 -24.28 7.55 -2.97
C ALA A 485 -23.86 9.01 -3.02
N VAL A 486 -22.55 9.21 -3.07
CA VAL A 486 -21.96 10.49 -3.45
C VAL A 486 -21.30 10.33 -4.83
N VAL A 487 -21.58 11.27 -5.72
CA VAL A 487 -21.20 11.14 -7.12
C VAL A 487 -20.46 12.39 -7.64
N VAL A 488 -19.31 12.14 -8.28
CA VAL A 488 -18.53 13.18 -8.95
C VAL A 488 -18.73 13.00 -10.44
N LEU A 489 -19.27 14.01 -11.09
CA LEU A 489 -19.51 14.01 -12.53
C LEU A 489 -18.27 14.38 -13.31
N GLU A 490 -18.19 13.97 -14.58
CA GLU A 490 -17.09 14.40 -15.45
C GLU A 490 -17.27 15.89 -15.67
N SER A 491 -16.18 16.64 -15.82
CA SER A 491 -16.30 18.09 -16.01
C SER A 491 -17.20 18.39 -17.22
N GLY A 492 -18.09 19.38 -17.08
CA GLY A 492 -18.98 19.73 -18.16
C GLY A 492 -20.29 18.96 -18.16
N LYS A 493 -20.21 17.63 -17.99
CA LYS A 493 -21.39 16.75 -17.95
C LYS A 493 -22.36 17.12 -16.82
N ASN A 494 -23.63 16.73 -16.96
CA ASN A 494 -24.67 17.12 -16.02
C ASN A 494 -25.72 16.02 -15.80
N MET A 495 -26.10 15.83 -14.53
CA MET A 495 -27.06 14.81 -14.15
C MET A 495 -27.87 15.21 -12.93
N THR A 496 -29.05 14.62 -12.81
CA THR A 496 -29.94 14.85 -11.68
C THR A 496 -29.95 13.63 -10.76
N GLU A 497 -30.30 13.86 -9.49
CA GLU A 497 -30.41 12.79 -8.50
C GLU A 497 -31.21 11.62 -9.04
N LYS A 498 -32.36 11.92 -9.65
CA LYS A 498 -33.28 10.91 -10.18
C LYS A 498 -32.73 10.16 -11.40
N GLU A 499 -31.92 10.84 -12.23
CA GLU A 499 -31.29 10.17 -13.37
C GLU A 499 -30.29 9.09 -12.94
N VAL A 500 -29.48 9.42 -11.94
CA VAL A 500 -28.57 8.46 -11.33
C VAL A 500 -29.33 7.27 -10.72
N MET A 501 -30.40 7.56 -9.97
CA MET A 501 -31.23 6.53 -9.33
C MET A 501 -31.90 5.59 -10.35
N ASP A 502 -32.45 6.17 -11.42
CA ASP A 502 -33.12 5.42 -12.50
C ASP A 502 -32.12 4.52 -13.24
N TYR A 503 -30.93 5.04 -13.53
CA TYR A 503 -29.91 4.21 -14.19
C TYR A 503 -29.49 3.01 -13.30
N VAL A 504 -29.36 3.23 -11.99
CA VAL A 504 -28.95 2.15 -11.09
C VAL A 504 -30.03 1.08 -10.98
N ALA A 505 -31.29 1.55 -10.88
CA ALA A 505 -32.48 0.71 -10.77
C ALA A 505 -32.64 -0.24 -11.95
N SER A 506 -32.24 0.21 -13.13
CA SER A 506 -32.36 -0.57 -14.36
C SER A 506 -31.30 -1.68 -14.49
N GLN A 507 -30.29 -1.64 -13.62
CA GLN A 507 -29.13 -2.54 -13.70
C GLN A 507 -29.04 -3.56 -12.56
N VAL A 508 -29.62 -3.25 -11.41
CA VAL A 508 -29.47 -4.08 -10.20
C VAL A 508 -30.82 -4.58 -9.72
N SER A 509 -30.82 -5.51 -8.79
CA SER A 509 -32.04 -6.04 -8.20
C SER A 509 -32.66 -5.03 -7.23
N ASN A 510 -33.90 -5.29 -6.82
CA ASN A 510 -34.66 -4.35 -6.00
C ASN A 510 -33.93 -3.84 -4.75
N ALA A 511 -33.34 -4.78 -3.99
CA ALA A 511 -32.66 -4.49 -2.73
C ALA A 511 -31.46 -3.55 -2.84
N LYS A 512 -30.79 -3.54 -3.99
CA LYS A 512 -29.60 -2.71 -4.18
C LYS A 512 -29.90 -1.26 -4.66
N ARG A 513 -31.19 -0.92 -4.81
CA ARG A 513 -31.59 0.42 -5.29
C ARG A 513 -31.19 1.52 -4.34
N LEU A 514 -30.82 2.68 -4.89
CA LEU A 514 -30.32 3.79 -4.08
C LEU A 514 -31.42 4.57 -3.37
N ARG A 515 -32.14 3.87 -2.50
CA ARG A 515 -33.24 4.46 -1.75
C ARG A 515 -32.82 5.63 -0.86
N GLY A 516 -31.54 5.66 -0.48
CA GLY A 516 -31.04 6.66 0.44
C GLY A 516 -30.59 7.96 -0.20
N GLY A 517 -30.78 8.11 -1.51
CA GLY A 517 -30.48 9.35 -2.20
C GLY A 517 -29.14 9.43 -2.90
N VAL A 518 -28.95 10.46 -3.70
CA VAL A 518 -27.68 10.75 -4.36
C VAL A 518 -27.32 12.20 -4.08
N ARG A 519 -26.05 12.44 -3.75
CA ARG A 519 -25.53 13.81 -3.64
C ARG A 519 -24.32 13.98 -4.54
N PHE A 520 -24.23 15.14 -5.18
CA PHE A 520 -23.13 15.45 -6.07
C PHE A 520 -22.08 16.22 -5.30
N VAL A 521 -20.83 15.79 -5.43
CA VAL A 521 -19.69 16.37 -4.70
C VAL A 521 -18.51 16.67 -5.64
N ASP A 522 -17.52 17.43 -5.13
CA ASP A 522 -16.27 17.67 -5.85
C ASP A 522 -15.31 16.48 -5.75
N GLU A 523 -15.30 15.85 -4.58
CA GLU A 523 -14.38 14.76 -4.27
C GLU A 523 -15.05 13.71 -3.37
N VAL A 524 -15.03 12.46 -3.82
CA VAL A 524 -15.44 11.34 -2.97
C VAL A 524 -14.41 11.19 -1.83
N PRO A 525 -14.86 11.22 -0.58
CA PRO A 525 -13.95 11.05 0.55
C PRO A 525 -13.36 9.64 0.55
N LYS A 526 -12.02 9.58 0.47
CA LYS A 526 -11.28 8.31 0.40
C LYS A 526 -9.99 8.38 1.22
N GLY A 527 -9.52 7.21 1.64
CA GLY A 527 -8.21 7.07 2.23
C GLY A 527 -7.14 7.05 1.16
N LEU A 528 -5.89 7.03 1.62
CA LEU A 528 -4.75 7.18 0.71
C LEU A 528 -4.50 5.99 -0.21
N THR A 529 -5.05 4.82 0.14
CA THR A 529 -4.93 3.66 -0.74
C THR A 529 -6.22 3.34 -1.51
N GLY A 530 -7.20 4.24 -1.43
CA GLY A 530 -8.40 4.09 -2.19
C GLY A 530 -9.65 3.70 -1.44
N LYS A 531 -9.54 3.38 -0.14
CA LYS A 531 -10.72 2.93 0.60
C LYS A 531 -11.67 4.09 0.95
N ILE A 532 -12.95 3.87 0.64
CA ILE A 532 -14.03 4.82 0.86
C ILE A 532 -14.21 5.09 2.34
N ASP A 533 -14.31 6.36 2.71
CA ASP A 533 -14.65 6.79 4.06
C ASP A 533 -16.18 6.77 4.20
N GLY A 534 -16.73 5.60 4.52
CA GLY A 534 -18.15 5.46 4.79
C GLY A 534 -18.73 6.44 5.82
N ARG A 535 -17.95 6.81 6.84
CA ARG A 535 -18.45 7.73 7.87
C ARG A 535 -18.64 9.14 7.32
N ALA A 536 -17.68 9.58 6.51
CA ALA A 536 -17.77 10.87 5.84
C ALA A 536 -18.98 10.94 4.90
N ILE A 537 -19.26 9.86 4.17
CA ILE A 537 -20.38 9.81 3.20
C ILE A 537 -21.76 9.80 3.88
N ARG A 538 -21.85 9.07 4.98
CA ARG A 538 -23.06 9.03 5.79
C ARG A 538 -23.48 10.45 6.20
N GLU A 539 -22.50 11.25 6.64
CA GLU A 539 -22.73 12.61 7.12
C GLU A 539 -23.12 13.55 5.98
N ILE A 540 -22.42 13.46 4.85
CA ILE A 540 -22.77 14.26 3.67
C ILE A 540 -24.22 14.01 3.28
N LEU A 541 -24.61 12.73 3.28
CA LEU A 541 -25.95 12.31 2.85
C LEU A 541 -27.07 12.72 3.84
N LYS A 542 -26.73 12.76 5.13
CA LYS A 542 -27.67 13.13 6.19
C LYS A 542 -27.37 14.52 6.74
P AMP B . -5.12 -1.29 5.36
O1P AMP B . -3.97 -2.02 5.92
O2P AMP B . -6.20 -1.26 6.44
O3P AMP B . -4.72 0.15 5.02
O5' AMP B . -5.70 -1.97 4.05
C5' AMP B . -6.13 -3.30 4.08
C4' AMP B . -7.54 -3.37 3.53
O4' AMP B . -7.65 -2.82 2.23
C3' AMP B . -8.06 -4.80 3.43
O3' AMP B . -8.58 -5.25 4.67
C2' AMP B . -9.16 -4.65 2.40
O2' AMP B . -10.27 -4.13 3.08
C1' AMP B . -8.60 -3.56 1.48
N9 AMP B . -7.97 -4.18 0.29
C8 AMP B . -6.60 -4.34 0.08
N7 AMP B . -6.43 -4.93 -1.12
C5 AMP B . -7.65 -5.18 -1.68
C6 AMP B . -8.05 -5.77 -2.87
N6 AMP B . -7.15 -6.25 -3.74
N1 AMP B . -9.40 -5.89 -3.16
C2 AMP B . -10.34 -5.43 -2.26
N3 AMP B . -9.93 -4.84 -1.08
C4 AMP B . -8.62 -4.72 -0.78
#